data_3V8Q
#
_entry.id   3V8Q
#
_cell.length_a   63.169
_cell.length_b   75.060
_cell.length_c   118.588
_cell.angle_alpha   90.00
_cell.angle_beta   90.00
_cell.angle_gamma   90.00
#
_symmetry.space_group_name_H-M   'I 2 2 2'
#
loop_
_entity.id
_entity.type
_entity.pdbx_description
1 polymer 'Probable inorganic polyphosphate/ATP-NAD kinase 1'
2 non-polymer "5'-amino-5'-deoxyadenosine"
3 non-polymer GLYCEROL
4 non-polymer 'CITRIC ACID'
5 water water
#
_entity_poly.entity_id   1
_entity_poly.type   'polypeptide(L)'
_entity_poly.pdbx_seq_one_letter_code
;MKYMITSKGDEKSDLLRLNMIAGFGEYDMEYDDVEPEIVISIGGDGTFLSAFHQYEERLDEIAFIGIHTGHLGFYADWRP
AEADKLVKLLAKGEYQKVSYPLLKTTVKYGIGKKEATYLALNESTVKSSGGPFVVDVVINDIHFERFRGDGLCMSTPSGT
TAYNKSLGGALMHPSIEAMQLTEMASINNRVYRTIGSPLVFPKHHVVSLQPVNDKDFQISVDELSILHRDVQEIRYEVSA
KKIHFARFRSFPFWRRVHDSFIEDLEHHHHHH
;
_entity_poly.pdbx_strand_id   A
#
loop_
_chem_comp.id
_chem_comp.type
_chem_comp.name
_chem_comp.formula
5N5 non-polymer 5'-amino-5'-deoxyadenosine 'C10 H14 N6 O3'
CIT non-polymer 'CITRIC ACID' 'C6 H8 O7'
GOL non-polymer GLYCEROL 'C3 H8 O3'
#
# COMPACT_ATOMS: atom_id res chain seq x y z
N MET A 1 10.67 8.93 23.06
CA MET A 1 10.09 7.65 22.74
C MET A 1 11.11 6.74 22.08
N LYS A 2 10.73 5.49 21.85
CA LYS A 2 11.58 4.57 21.10
C LYS A 2 11.41 4.83 19.61
N TYR A 3 12.51 4.71 18.86
CA TYR A 3 12.47 4.98 17.43
C TYR A 3 13.43 4.09 16.66
N MET A 4 13.18 3.91 15.37
CA MET A 4 14.08 3.17 14.49
C MET A 4 14.12 3.83 13.12
N ILE A 5 15.19 3.57 12.38
CA ILE A 5 15.37 4.17 11.06
C ILE A 5 15.86 3.15 10.05
N THR A 6 15.08 2.95 8.98
CA THR A 6 15.52 2.10 7.89
C THR A 6 16.03 2.97 6.75
N SER A 7 16.96 2.43 5.96
CA SER A 7 17.59 3.19 4.88
C SER A 7 17.58 2.42 3.56
N LYS A 8 17.44 3.16 2.46
CA LYS A 8 17.46 2.57 1.14
C LYS A 8 18.73 1.75 0.92
N GLY A 9 19.77 2.09 1.67
CA GLY A 9 21.01 1.32 1.64
C GLY A 9 22.10 1.94 0.79
N ASP A 10 21.78 3.05 0.13
CA ASP A 10 22.78 3.75 -0.67
C ASP A 10 23.56 4.72 0.21
N GLU A 11 24.71 5.16 -0.29
CA GLU A 11 25.59 6.05 0.47
C GLU A 11 24.83 7.26 1.02
N LYS A 12 24.06 7.90 0.15
CA LYS A 12 23.26 9.06 0.54
C LYS A 12 22.41 8.80 1.78
N SER A 13 21.59 7.76 1.72
CA SER A 13 20.61 7.48 2.77
C SER A 13 21.24 6.97 4.07
N ASP A 14 22.26 6.13 3.95
CA ASP A 14 22.92 5.58 5.12
C ASP A 14 23.58 6.67 5.97
N LEU A 15 24.16 7.67 5.30
CA LEU A 15 24.84 8.75 6.00
C LEU A 15 23.84 9.73 6.61
N LEU A 16 22.71 9.91 5.97
CA LEU A 16 21.66 10.77 6.51
C LEU A 16 21.06 10.11 7.74
N ARG A 17 21.04 8.78 7.74
CA ARG A 17 20.50 8.01 8.85
C ARG A 17 21.40 8.14 10.08
N LEU A 18 22.71 7.97 9.87
CA LEU A 18 23.67 8.08 10.96
C LEU A 18 23.66 9.46 11.59
N ASN A 19 23.30 10.47 10.80
CA ASN A 19 23.22 11.84 11.28
C ASN A 19 22.01 12.11 12.16
N MET A 20 20.86 11.56 11.77
CA MET A 20 19.63 11.74 12.54
C MET A 20 19.73 11.00 13.86
N ILE A 21 20.34 9.82 13.83
CA ILE A 21 20.58 9.06 15.05
C ILE A 21 21.44 9.87 16.01
N ALA A 22 22.51 10.47 15.48
CA ALA A 22 23.41 11.29 16.29
C ALA A 22 22.67 12.50 16.86
N GLY A 23 21.89 13.15 16.00
CA GLY A 23 21.06 14.26 16.44
C GLY A 23 20.04 13.82 17.46
N PHE A 24 19.56 12.59 17.32
CA PHE A 24 18.61 12.01 18.26
C PHE A 24 19.29 11.68 19.58
N GLY A 25 20.60 11.44 19.52
CA GLY A 25 21.37 11.14 20.72
C GLY A 25 21.42 12.33 21.66
N GLU A 26 21.20 13.51 21.10
CA GLU A 26 21.22 14.74 21.88
C GLU A 26 19.90 14.92 22.62
N TYR A 27 19.01 13.94 22.50
CA TYR A 27 17.74 13.94 23.22
C TYR A 27 17.56 12.62 23.96
N ASP A 28 16.40 12.47 24.61
CA ASP A 28 16.08 11.22 25.28
C ASP A 28 15.27 10.31 24.37
N MET A 29 15.87 9.94 23.23
CA MET A 29 15.22 9.07 22.26
C MET A 29 15.96 7.73 22.15
N GLU A 30 15.41 6.71 22.78
CA GLU A 30 16.02 5.38 22.76
C GLU A 30 15.78 4.67 21.43
N TYR A 31 16.85 4.45 20.68
CA TYR A 31 16.76 3.68 19.44
C TYR A 31 16.38 2.25 19.77
N ASP A 32 15.31 1.76 19.14
CA ASP A 32 14.82 0.42 19.40
C ASP A 32 14.05 -0.10 18.19
N ASP A 33 14.67 -0.98 17.42
CA ASP A 33 14.02 -1.53 16.22
C ASP A 33 13.21 -2.78 16.55
N VAL A 34 12.90 -2.98 17.82
CA VAL A 34 12.06 -4.08 18.25
C VAL A 34 10.64 -3.59 18.51
N GLU A 35 10.53 -2.60 19.40
CA GLU A 35 9.23 -2.00 19.71
C GLU A 35 9.30 -0.47 19.65
N PRO A 36 9.53 0.07 18.45
CA PRO A 36 9.61 1.52 18.25
C PRO A 36 8.23 2.16 18.20
N GLU A 37 8.14 3.42 18.62
CA GLU A 37 6.91 4.19 18.49
C GLU A 37 7.02 5.07 17.25
N ILE A 38 8.25 5.37 16.86
CA ILE A 38 8.53 6.20 15.70
C ILE A 38 9.37 5.44 14.68
N VAL A 39 8.82 5.25 13.49
CA VAL A 39 9.55 4.57 12.42
C VAL A 39 9.83 5.52 11.27
N ILE A 40 11.11 5.79 11.03
CA ILE A 40 11.53 6.71 9.98
C ILE A 40 12.13 5.94 8.82
N SER A 41 11.64 6.23 7.61
CA SER A 41 12.13 5.57 6.40
C SER A 41 12.87 6.57 5.53
N ILE A 42 14.10 6.24 5.16
CA ILE A 42 14.91 7.11 4.32
C ILE A 42 15.25 6.45 2.99
N GLY A 43 14.66 6.98 1.91
CA GLY A 43 14.85 6.42 0.59
C GLY A 43 13.71 6.83 -0.33
N GLY A 44 12.91 5.86 -0.75
CA GLY A 44 11.76 6.13 -1.58
C GLY A 44 10.50 5.51 -1.00
N ASP A 45 9.42 5.50 -1.78
CA ASP A 45 8.19 4.85 -1.35
C ASP A 45 8.40 3.35 -1.20
N GLY A 46 9.32 2.81 -2.00
CA GLY A 46 9.67 1.40 -1.90
C GLY A 46 10.30 1.06 -0.57
N THR A 47 11.16 1.96 -0.10
CA THR A 47 11.77 1.80 1.22
C THR A 47 10.69 1.91 2.30
N PHE A 48 9.78 2.86 2.12
CA PHE A 48 8.70 3.07 3.06
C PHE A 48 7.78 1.85 3.15
N LEU A 49 7.44 1.28 2.00
CA LEU A 49 6.59 0.09 1.95
C LEU A 49 7.22 -1.03 2.78
N SER A 50 8.52 -1.23 2.60
CA SER A 50 9.25 -2.24 3.37
C SER A 50 9.18 -1.94 4.85
N ALA A 51 9.34 -0.67 5.20
CA ALA A 51 9.28 -0.25 6.60
C ALA A 51 7.92 -0.55 7.19
N PHE A 52 6.88 -0.34 6.39
CA PHE A 52 5.51 -0.62 6.81
C PHE A 52 5.29 -2.11 7.06
N HIS A 53 5.80 -2.94 6.15
CA HIS A 53 5.60 -4.38 6.26
C HIS A 53 6.47 -5.03 7.33
N GLN A 54 7.57 -4.38 7.70
CA GLN A 54 8.41 -4.88 8.77
C GLN A 54 7.66 -4.81 10.10
N TYR A 55 6.73 -3.85 10.19
CA TYR A 55 6.04 -3.59 11.45
C TYR A 55 4.53 -3.59 11.31
N GLU A 56 3.99 -4.38 10.38
CA GLU A 56 2.55 -4.41 10.17
C GLU A 56 1.84 -5.06 11.35
N GLU A 57 2.62 -5.51 12.33
CA GLU A 57 2.07 -6.17 13.51
C GLU A 57 1.74 -5.17 14.61
N ARG A 58 2.35 -3.99 14.56
CA ARG A 58 2.14 -2.96 15.58
C ARG A 58 1.79 -1.61 14.96
N LEU A 59 0.85 -1.61 14.02
CA LEU A 59 0.49 -0.38 13.32
C LEU A 59 -0.14 0.67 14.23
N ASP A 60 -0.89 0.22 15.22
CA ASP A 60 -1.61 1.13 16.09
C ASP A 60 -0.70 1.74 17.18
N GLU A 61 0.54 1.28 17.20
CA GLU A 61 1.54 1.80 18.15
C GLU A 61 2.63 2.60 17.45
N ILE A 62 2.62 2.61 16.13
CA ILE A 62 3.67 3.28 15.37
C ILE A 62 3.16 4.47 14.56
N ALA A 63 3.96 5.53 14.53
CA ALA A 63 3.72 6.66 13.64
C ALA A 63 4.85 6.73 12.62
N PHE A 64 4.51 6.51 11.35
CA PHE A 64 5.49 6.47 10.28
C PHE A 64 5.78 7.88 9.75
N ILE A 65 6.99 8.04 9.21
CA ILE A 65 7.37 9.27 8.52
C ILE A 65 8.48 8.95 7.51
N GLY A 66 8.33 9.44 6.29
CA GLY A 66 9.26 9.11 5.23
C GLY A 66 10.08 10.26 4.71
N ILE A 67 11.36 10.00 4.46
CA ILE A 67 12.26 10.98 3.87
C ILE A 67 12.72 10.48 2.51
N HIS A 68 12.63 11.31 1.48
CA HIS A 68 13.01 10.90 0.14
C HIS A 68 14.38 11.44 -0.27
N THR A 69 15.34 10.53 -0.48
CA THR A 69 16.67 10.90 -0.93
C THR A 69 16.70 11.07 -2.44
N GLY A 70 15.71 10.49 -3.10
CA GLY A 70 15.58 10.63 -4.54
C GLY A 70 14.46 11.58 -4.89
N HIS A 71 13.54 11.12 -5.75
CA HIS A 71 12.42 11.96 -6.17
C HIS A 71 11.29 11.96 -5.16
N LEU A 72 10.48 13.01 -5.20
CA LEU A 72 9.35 13.18 -4.28
C LEU A 72 8.45 11.95 -4.31
N GLY A 73 8.26 11.32 -3.16
CA GLY A 73 7.35 10.18 -3.03
C GLY A 73 6.07 10.59 -2.35
N PHE A 74 5.10 9.69 -2.28
CA PHE A 74 3.82 10.01 -1.64
C PHE A 74 3.85 9.72 -0.15
N TYR A 75 4.66 8.74 0.26
CA TYR A 75 4.82 8.44 1.67
C TYR A 75 6.10 9.08 2.20
N ALA A 76 7.14 9.08 1.36
CA ALA A 76 8.39 9.75 1.68
C ALA A 76 8.30 11.18 1.16
N ASP A 77 7.57 12.03 1.87
CA ASP A 77 7.24 13.36 1.38
C ASP A 77 8.11 14.48 1.95
N TRP A 78 9.06 14.13 2.80
CA TRP A 78 9.91 15.14 3.43
C TRP A 78 11.33 15.14 2.88
N ARG A 79 11.82 16.32 2.50
CA ARG A 79 13.13 16.48 1.88
C ARG A 79 14.27 16.22 2.86
N PRO A 80 15.38 15.69 2.34
CA PRO A 80 16.58 15.33 3.12
C PRO A 80 17.13 16.48 3.95
N ALA A 81 17.03 17.70 3.42
CA ALA A 81 17.57 18.87 4.10
C ALA A 81 16.73 19.26 5.31
N GLU A 82 15.59 18.61 5.48
CA GLU A 82 14.70 18.91 6.62
C GLU A 82 14.94 17.93 7.76
N ALA A 83 15.96 17.10 7.63
CA ALA A 83 16.24 16.06 8.62
C ALA A 83 16.42 16.62 10.03
N ASP A 84 17.30 17.61 10.17
CA ASP A 84 17.56 18.21 11.48
C ASP A 84 16.31 18.82 12.09
N LYS A 85 15.42 19.32 11.23
CA LYS A 85 14.16 19.90 11.69
C LYS A 85 13.22 18.79 12.15
N LEU A 86 13.36 17.62 11.52
CA LEU A 86 12.56 16.46 11.89
C LEU A 86 12.95 15.89 13.25
N VAL A 87 14.26 15.79 13.50
CA VAL A 87 14.74 15.20 14.75
C VAL A 87 14.29 16.04 15.95
N LYS A 88 14.05 17.32 15.73
CA LYS A 88 13.61 18.21 16.79
C LYS A 88 12.14 18.01 17.12
N LEU A 89 11.28 18.17 16.12
CA LEU A 89 9.84 18.10 16.30
C LEU A 89 9.37 16.74 16.79
N LEU A 90 10.12 15.69 16.46
CA LEU A 90 9.78 14.34 16.91
C LEU A 90 10.06 14.16 18.40
N ALA A 91 10.92 15.00 18.94
CA ALA A 91 11.29 14.92 20.35
C ALA A 91 10.19 15.45 21.25
N LYS A 92 9.62 16.60 20.86
CA LYS A 92 8.56 17.23 21.66
C LYS A 92 7.26 16.44 21.59
N TYR A 95 3.54 16.83 17.66
CA TYR A 95 3.14 16.47 16.31
C TYR A 95 1.81 15.71 16.32
N GLN A 96 1.03 15.89 15.26
CA GLN A 96 -0.25 15.20 15.14
C GLN A 96 -0.17 14.04 14.16
N LYS A 97 -1.08 13.08 14.32
CA LYS A 97 -1.06 11.87 13.51
C LYS A 97 -2.12 11.91 12.40
N VAL A 98 -1.78 11.34 11.26
CA VAL A 98 -2.70 11.22 10.13
C VAL A 98 -2.84 9.76 9.73
N SER A 99 -4.07 9.27 9.65
CA SER A 99 -4.32 7.86 9.36
C SER A 99 -4.90 7.61 7.97
N TYR A 100 -4.34 6.63 7.27
CA TYR A 100 -4.84 6.21 5.97
C TYR A 100 -5.44 4.81 6.06
N PRO A 101 -6.49 4.54 5.26
CA PRO A 101 -7.13 3.23 5.23
C PRO A 101 -6.22 2.17 4.62
N LEU A 102 -6.38 0.92 5.02
CA LEU A 102 -5.59 -0.18 4.48
C LEU A 102 -6.51 -1.22 3.83
N LEU A 103 -5.93 -2.09 3.03
CA LEU A 103 -6.69 -3.16 2.38
C LEU A 103 -6.39 -4.51 3.02
N LYS A 104 -7.44 -5.24 3.39
CA LYS A 104 -7.26 -6.58 3.94
C LYS A 104 -7.54 -7.64 2.88
N THR A 105 -6.56 -8.50 2.63
CA THR A 105 -6.70 -9.57 1.65
C THR A 105 -6.65 -10.93 2.33
N THR A 106 -7.64 -11.77 2.03
CA THR A 106 -7.71 -13.11 2.60
C THR A 106 -7.66 -14.17 1.51
N VAL A 107 -6.77 -15.14 1.69
CA VAL A 107 -6.62 -16.23 0.72
C VAL A 107 -6.94 -17.56 1.40
N LYS A 108 -7.95 -18.25 0.88
CA LYS A 108 -8.35 -19.55 1.41
C LYS A 108 -7.80 -20.69 0.57
N TYR A 109 -7.39 -21.77 1.23
CA TYR A 109 -6.94 -22.97 0.55
C TYR A 109 -7.82 -24.16 0.91
N GLY A 110 -7.43 -25.34 0.43
CA GLY A 110 -8.14 -26.57 0.74
C GLY A 110 -7.25 -27.57 1.44
N GLU A 115 -6.03 -20.85 5.31
CA GLU A 115 -6.38 -19.44 5.14
C GLU A 115 -5.25 -18.52 5.61
N ALA A 116 -4.97 -17.50 4.80
CA ALA A 116 -3.91 -16.54 5.12
C ALA A 116 -4.36 -15.11 4.80
N THR A 117 -4.02 -14.18 5.69
CA THR A 117 -4.39 -12.78 5.52
C THR A 117 -3.16 -11.88 5.38
N TYR A 118 -3.34 -10.76 4.67
CA TYR A 118 -2.27 -9.78 4.49
C TYR A 118 -2.84 -8.38 4.57
N LEU A 119 -1.95 -7.40 4.80
CA LEU A 119 -2.34 -6.00 4.75
C LEU A 119 -1.54 -5.33 3.63
N ALA A 120 -2.20 -4.42 2.90
CA ALA A 120 -1.53 -3.71 1.82
C ALA A 120 -1.66 -2.21 2.02
N LEU A 121 -0.59 -1.48 1.73
CA LEU A 121 -0.61 -0.02 1.82
C LEU A 121 -0.97 0.56 0.47
N ASN A 122 -0.53 -0.11 -0.59
CA ASN A 122 -0.84 0.31 -1.96
C ASN A 122 -1.95 -0.52 -2.58
N GLU A 123 -1.66 -1.78 -2.91
CA GLU A 123 -2.63 -2.62 -3.57
C GLU A 123 -2.32 -4.11 -3.46
N SER A 124 -3.31 -4.92 -3.81
CA SER A 124 -3.12 -6.35 -3.98
C SER A 124 -3.61 -6.73 -5.36
N THR A 125 -2.80 -7.46 -6.11
CA THR A 125 -3.16 -7.84 -7.47
C THR A 125 -3.23 -9.35 -7.62
N VAL A 126 -3.88 -9.80 -8.69
CA VAL A 126 -3.98 -11.22 -9.00
C VAL A 126 -3.77 -11.47 -10.49
N LYS A 127 -2.79 -12.30 -10.79
CA LYS A 127 -2.53 -12.71 -12.17
C LYS A 127 -2.44 -14.24 -12.21
N SER A 128 -2.42 -14.81 -13.40
CA SER A 128 -2.37 -16.27 -13.53
C SER A 128 -0.97 -16.77 -13.84
N SER A 129 -0.65 -17.96 -13.31
CA SER A 129 0.64 -18.58 -13.52
C SER A 129 0.71 -19.29 -14.88
N GLY A 130 0.80 -18.51 -15.95
CA GLY A 130 0.90 -19.06 -17.29
C GLY A 130 -0.28 -18.71 -18.17
N GLY A 131 -1.39 -18.30 -17.55
CA GLY A 131 -2.59 -17.98 -18.27
C GLY A 131 -3.24 -19.20 -18.87
N PRO A 132 -4.50 -19.08 -19.32
CA PRO A 132 -5.29 -17.85 -19.26
C PRO A 132 -5.83 -17.58 -17.86
N PHE A 133 -6.12 -16.32 -17.56
CA PHE A 133 -6.65 -15.94 -16.26
C PHE A 133 -8.16 -15.80 -16.30
N VAL A 134 -8.86 -16.67 -15.57
CA VAL A 134 -10.31 -16.61 -15.49
C VAL A 134 -10.77 -16.76 -14.04
N VAL A 135 -11.51 -15.78 -13.56
CA VAL A 135 -12.08 -15.84 -12.22
C VAL A 135 -13.47 -15.24 -12.21
N ASP A 136 -14.33 -15.77 -11.35
CA ASP A 136 -15.65 -15.17 -11.12
C ASP A 136 -15.55 -14.13 -10.02
N VAL A 137 -16.10 -12.94 -10.30
CA VAL A 137 -16.09 -11.85 -9.34
C VAL A 137 -17.41 -11.79 -8.60
N VAL A 138 -17.34 -11.87 -7.27
CA VAL A 138 -18.54 -11.90 -6.43
C VAL A 138 -18.53 -10.79 -5.40
N ILE A 139 -19.54 -9.93 -5.47
CA ILE A 139 -19.64 -8.78 -4.56
C ILE A 139 -20.78 -8.98 -3.56
N ASN A 140 -20.43 -9.01 -2.27
CA ASN A 140 -21.42 -9.23 -1.22
C ASN A 140 -22.26 -10.47 -1.48
N ASP A 141 -21.62 -11.51 -1.99
CA ASP A 141 -22.25 -12.80 -2.24
C ASP A 141 -22.99 -12.88 -3.56
N ILE A 142 -23.12 -11.75 -4.25
CA ILE A 142 -23.78 -11.70 -5.56
C ILE A 142 -22.76 -11.79 -6.68
N HIS A 143 -22.94 -12.77 -7.57
CA HIS A 143 -22.05 -12.92 -8.70
C HIS A 143 -22.19 -11.74 -9.64
N PHE A 144 -21.11 -10.97 -9.80
CA PHE A 144 -21.14 -9.75 -10.60
C PHE A 144 -20.70 -9.96 -12.04
N GLU A 145 -19.64 -10.73 -12.24
CA GLU A 145 -19.10 -10.94 -13.57
C GLU A 145 -18.10 -12.08 -13.59
N ARG A 146 -17.79 -12.57 -14.78
CA ARG A 146 -16.70 -13.53 -14.96
C ARG A 146 -15.59 -12.85 -15.75
N PHE A 147 -14.44 -12.65 -15.10
CA PHE A 147 -13.36 -11.88 -15.69
C PHE A 147 -12.37 -12.71 -16.51
N ARG A 148 -12.13 -12.25 -17.74
CA ARG A 148 -11.16 -12.88 -18.62
CA ARG A 148 -11.16 -12.88 -18.62
C ARG A 148 -10.13 -11.85 -19.07
N GLY A 149 -8.88 -12.07 -18.73
CA GLY A 149 -7.83 -11.15 -19.12
C GLY A 149 -6.50 -11.45 -18.46
N ASP A 150 -5.77 -10.39 -18.12
CA ASP A 150 -4.44 -10.53 -17.52
C ASP A 150 -4.51 -10.59 -16.01
N GLY A 151 -5.40 -9.81 -15.41
CA GLY A 151 -5.53 -9.80 -13.97
C GLY A 151 -6.38 -8.68 -13.40
N LEU A 152 -6.36 -8.56 -12.08
CA LEU A 152 -7.14 -7.55 -11.38
C LEU A 152 -6.31 -6.86 -10.30
N CYS A 153 -6.64 -5.61 -10.01
CA CYS A 153 -5.91 -4.84 -9.01
C CYS A 153 -6.88 -4.18 -8.03
N MET A 154 -6.65 -4.40 -6.73
CA MET A 154 -7.45 -3.78 -5.69
C MET A 154 -6.58 -2.81 -4.89
N SER A 155 -6.92 -1.52 -4.99
CA SER A 155 -6.07 -0.47 -4.45
C SER A 155 -6.69 0.23 -3.24
N THR A 156 -5.83 0.67 -2.33
CA THR A 156 -6.25 1.53 -1.21
C THR A 156 -6.38 2.95 -1.73
N PRO A 157 -6.90 3.85 -0.90
CA PRO A 157 -6.95 5.27 -1.29
C PRO A 157 -5.55 5.81 -1.62
N SER A 158 -4.58 5.62 -0.74
CA SER A 158 -3.24 6.14 -0.97
C SER A 158 -2.54 5.41 -2.11
N GLY A 159 -3.02 4.22 -2.44
CA GLY A 159 -2.43 3.43 -3.50
C GLY A 159 -2.92 3.77 -4.90
N THR A 160 -4.00 4.56 -4.97
CA THR A 160 -4.59 4.90 -6.25
C THR A 160 -3.63 5.70 -7.14
N THR A 161 -2.62 6.30 -6.53
CA THR A 161 -1.62 7.07 -7.28
C THR A 161 -0.53 6.17 -7.84
N ALA A 162 -0.59 4.88 -7.49
CA ALA A 162 0.43 3.93 -7.91
C ALA A 162 -0.01 3.06 -9.09
N TYR A 163 0.05 1.75 -8.89
CA TYR A 163 -0.34 0.79 -9.91
C TYR A 163 -1.73 1.09 -10.45
N ASN A 164 -2.67 1.31 -9.52
CA ASN A 164 -4.04 1.67 -9.87
C ASN A 164 -4.11 2.74 -10.96
N LYS A 165 -3.24 3.74 -10.85
CA LYS A 165 -3.25 4.87 -11.79
C LYS A 165 -2.89 4.43 -13.20
N SER A 166 -1.88 3.56 -13.32
CA SER A 166 -1.42 3.09 -14.63
C SER A 166 -2.48 2.24 -15.33
N LEU A 167 -3.45 1.75 -14.56
CA LEU A 167 -4.50 0.90 -15.10
C LEU A 167 -5.77 1.69 -15.45
N GLY A 168 -5.68 3.01 -15.34
CA GLY A 168 -6.80 3.87 -15.69
C GLY A 168 -7.71 4.17 -14.53
N GLY A 169 -7.36 3.69 -13.34
CA GLY A 169 -8.16 3.92 -12.16
C GLY A 169 -8.19 5.39 -11.75
N ALA A 170 -9.16 5.76 -10.91
CA ALA A 170 -9.28 7.12 -10.44
C ALA A 170 -8.42 7.35 -9.21
N LEU A 171 -7.95 8.58 -9.03
CA LEU A 171 -7.25 8.96 -7.81
C LEU A 171 -8.26 9.43 -6.78
N MET A 172 -8.28 8.78 -5.62
CA MET A 172 -9.21 9.17 -4.57
C MET A 172 -8.49 9.60 -3.29
N HIS A 173 -9.05 10.58 -2.61
CA HIS A 173 -8.46 11.12 -1.39
C HIS A 173 -8.40 10.08 -0.29
N PRO A 174 -7.27 10.01 0.43
CA PRO A 174 -7.02 9.01 1.45
C PRO A 174 -7.94 9.12 2.67
N SER A 175 -8.73 10.19 2.75
CA SER A 175 -9.67 10.35 3.85
C SER A 175 -10.92 9.51 3.61
N ILE A 176 -11.04 9.00 2.40
CA ILE A 176 -12.18 8.18 2.00
C ILE A 176 -11.91 6.71 2.30
N GLU A 177 -12.64 6.14 3.25
CA GLU A 177 -12.48 4.74 3.60
C GLU A 177 -13.09 3.85 2.53
N ALA A 178 -12.27 3.44 1.57
CA ALA A 178 -12.75 2.66 0.44
C ALA A 178 -11.64 1.87 -0.23
N MET A 179 -12.01 1.06 -1.22
CA MET A 179 -11.05 0.31 -2.02
C MET A 179 -11.51 0.34 -3.47
N GLN A 180 -10.56 0.27 -4.40
CA GLN A 180 -10.89 0.39 -5.82
C GLN A 180 -10.34 -0.75 -6.66
N LEU A 181 -11.21 -1.35 -7.46
CA LEU A 181 -10.82 -2.47 -8.31
C LEU A 181 -10.72 -2.05 -9.77
N THR A 182 -9.56 -2.30 -10.36
CA THR A 182 -9.36 -2.02 -11.78
C THR A 182 -9.03 -3.30 -12.53
N GLU A 183 -9.15 -3.27 -13.86
CA GLU A 183 -8.94 -4.45 -14.69
C GLU A 183 -7.59 -4.42 -15.40
N MET A 184 -7.11 -5.58 -15.79
CA MET A 184 -5.88 -5.68 -16.58
CA MET A 184 -5.88 -5.69 -16.58
C MET A 184 -6.16 -6.39 -17.90
N ALA A 185 -6.19 -5.60 -18.99
CA ALA A 185 -6.42 -6.15 -20.32
C ALA A 185 -7.55 -7.17 -20.34
N SER A 186 -8.77 -6.72 -20.05
CA SER A 186 -9.93 -7.60 -20.01
C SER A 186 -10.46 -7.89 -21.40
N ILE A 187 -10.72 -9.16 -21.68
CA ILE A 187 -11.35 -9.56 -22.94
C ILE A 187 -12.83 -9.23 -22.88
N ASN A 188 -13.31 -8.50 -23.89
CA ASN A 188 -14.73 -8.19 -23.99
C ASN A 188 -15.29 -8.51 -25.37
N ASN A 189 -15.98 -9.65 -25.45
CA ASN A 189 -16.63 -10.09 -26.68
C ASN A 189 -18.14 -9.86 -26.60
N ARG A 190 -18.84 -10.35 -27.62
CA ARG A 190 -20.28 -10.51 -27.54
C ARG A 190 -20.53 -11.67 -26.59
N VAL A 191 -19.48 -12.45 -26.35
CA VAL A 191 -19.53 -13.62 -25.48
C VAL A 191 -19.12 -13.29 -24.06
N TYR A 192 -17.88 -12.83 -23.88
CA TYR A 192 -17.37 -12.50 -22.55
C TYR A 192 -17.63 -11.04 -22.23
N ARG A 193 -17.97 -10.76 -20.97
CA ARG A 193 -18.42 -9.43 -20.57
C ARG A 193 -17.91 -9.00 -19.21
N THR A 194 -17.14 -7.92 -19.17
CA THR A 194 -16.75 -7.30 -17.91
C THR A 194 -17.25 -5.86 -17.87
N ILE A 195 -17.30 -5.28 -16.67
CA ILE A 195 -17.83 -3.93 -16.49
C ILE A 195 -16.92 -2.88 -17.13
N GLY A 196 -15.63 -3.18 -17.23
CA GLY A 196 -14.68 -2.29 -17.86
C GLY A 196 -14.23 -1.15 -16.96
N SER A 197 -15.20 -0.49 -16.33
CA SER A 197 -14.91 0.64 -15.47
C SER A 197 -14.34 0.18 -14.13
N PRO A 198 -13.50 1.03 -13.51
CA PRO A 198 -13.04 0.78 -12.15
C PRO A 198 -14.21 0.79 -11.17
N LEU A 199 -14.10 0.05 -10.08
CA LEU A 199 -15.16 0.01 -9.10
C LEU A 199 -14.65 0.46 -7.74
N VAL A 200 -15.40 1.33 -7.08
CA VAL A 200 -15.03 1.81 -5.75
C VAL A 200 -15.99 1.30 -4.67
N PHE A 201 -15.46 0.54 -3.73
CA PHE A 201 -16.27 -0.06 -2.68
C PHE A 201 -16.07 0.64 -1.34
N PRO A 202 -17.15 0.79 -0.57
CA PRO A 202 -17.07 1.39 0.76
C PRO A 202 -16.67 0.35 1.79
N LYS A 203 -16.58 0.76 3.06
CA LYS A 203 -16.28 -0.19 4.13
C LYS A 203 -17.36 -1.26 4.20
N HIS A 204 -16.97 -2.45 4.63
CA HIS A 204 -17.90 -3.56 4.87
C HIS A 204 -18.40 -4.25 3.60
N HIS A 205 -17.96 -3.78 2.44
CA HIS A 205 -18.23 -4.48 1.19
C HIS A 205 -17.14 -5.51 0.94
N VAL A 206 -17.55 -6.73 0.61
CA VAL A 206 -16.61 -7.82 0.40
C VAL A 206 -16.56 -8.25 -1.06
N VAL A 207 -15.40 -8.09 -1.68
CA VAL A 207 -15.19 -8.56 -3.04
C VAL A 207 -14.43 -9.88 -3.03
N SER A 208 -15.01 -10.91 -3.62
CA SER A 208 -14.42 -12.24 -3.61
C SER A 208 -14.10 -12.73 -5.01
N LEU A 209 -12.88 -13.20 -5.21
CA LEU A 209 -12.48 -13.74 -6.50
C LEU A 209 -12.42 -15.27 -6.42
N GLN A 210 -13.12 -15.93 -7.34
CA GLN A 210 -13.24 -17.38 -7.31
C GLN A 210 -12.80 -18.01 -8.65
N PRO A 211 -11.89 -18.99 -8.58
CA PRO A 211 -11.31 -19.65 -9.76
C PRO A 211 -12.37 -20.34 -10.61
N VAL A 212 -12.08 -20.50 -11.91
CA VAL A 212 -13.00 -21.15 -12.82
C VAL A 212 -12.41 -22.46 -13.34
N ASN A 213 -11.18 -22.38 -13.86
CA ASN A 213 -10.47 -23.58 -14.30
C ASN A 213 -9.20 -23.81 -13.50
N ASP A 214 -8.16 -23.06 -13.81
CA ASP A 214 -6.91 -23.14 -13.07
C ASP A 214 -7.16 -22.65 -11.63
N LYS A 215 -6.31 -23.08 -10.71
CA LYS A 215 -6.46 -22.69 -9.32
C LYS A 215 -5.14 -22.19 -8.73
N ASP A 216 -4.20 -21.87 -9.60
CA ASP A 216 -2.93 -21.30 -9.17
C ASP A 216 -2.82 -19.86 -9.65
N PHE A 217 -2.47 -18.95 -8.75
CA PHE A 217 -2.43 -17.53 -9.08
C PHE A 217 -1.21 -16.84 -8.51
N GLN A 218 -0.65 -15.91 -9.29
CA GLN A 218 0.40 -15.05 -8.80
C GLN A 218 -0.25 -13.88 -8.07
N ILE A 219 -0.15 -13.89 -6.74
CA ILE A 219 -0.76 -12.85 -5.93
C ILE A 219 0.28 -11.93 -5.31
N SER A 220 0.02 -10.64 -5.34
CA SER A 220 0.92 -9.67 -4.74
C SER A 220 0.20 -8.78 -3.75
N VAL A 221 0.91 -8.37 -2.70
CA VAL A 221 0.47 -7.27 -1.85
C VAL A 221 1.63 -6.31 -1.72
N ASP A 222 1.49 -5.13 -2.33
CA ASP A 222 2.59 -4.19 -2.44
C ASP A 222 3.77 -4.84 -3.17
N GLU A 223 4.95 -4.80 -2.56
CA GLU A 223 6.13 -5.37 -3.21
C GLU A 223 6.22 -6.89 -3.10
N LEU A 224 5.46 -7.45 -2.17
CA LEU A 224 5.46 -8.90 -1.96
C LEU A 224 4.66 -9.60 -3.06
N SER A 225 5.27 -10.57 -3.73
CA SER A 225 4.60 -11.30 -4.79
C SER A 225 4.80 -12.80 -4.62
N ILE A 226 3.73 -13.48 -4.20
CA ILE A 226 3.79 -14.91 -3.91
C ILE A 226 2.90 -15.73 -4.84
N LEU A 227 3.43 -16.82 -5.37
CA LEU A 227 2.63 -17.77 -6.11
C LEU A 227 1.87 -18.63 -5.11
N HIS A 228 0.54 -18.69 -5.26
CA HIS A 228 -0.30 -19.45 -4.35
C HIS A 228 -1.00 -20.60 -5.06
N ARG A 229 -0.80 -21.82 -4.56
CA ARG A 229 -1.38 -23.00 -5.16
C ARG A 229 -2.60 -23.51 -4.41
N ASP A 230 -3.51 -24.15 -5.14
CA ASP A 230 -4.74 -24.69 -4.58
C ASP A 230 -5.56 -23.59 -3.90
N VAL A 231 -5.71 -22.47 -4.60
CA VAL A 231 -6.50 -21.35 -4.09
C VAL A 231 -7.99 -21.57 -4.35
N GLN A 232 -8.80 -21.38 -3.32
CA GLN A 232 -10.25 -21.55 -3.45
C GLN A 232 -10.97 -20.21 -3.53
N GLU A 233 -10.38 -19.19 -2.89
CA GLU A 233 -11.02 -17.88 -2.84
C GLU A 233 -10.03 -16.79 -2.42
N ILE A 234 -10.23 -15.60 -2.97
CA ILE A 234 -9.44 -14.42 -2.58
C ILE A 234 -10.42 -13.31 -2.18
N ARG A 235 -10.37 -12.91 -0.92
CA ARG A 235 -11.34 -11.93 -0.39
C ARG A 235 -10.70 -10.57 -0.15
N TYR A 236 -11.28 -9.54 -0.75
CA TYR A 236 -10.84 -8.16 -0.56
C TYR A 236 -11.85 -7.35 0.24
N GLU A 237 -11.37 -6.57 1.19
CA GLU A 237 -12.22 -5.68 1.95
C GLU A 237 -11.39 -4.64 2.69
N VAL A 238 -11.96 -3.45 2.86
CA VAL A 238 -11.27 -2.37 3.56
C VAL A 238 -10.92 -2.81 4.98
N SER A 239 -9.62 -2.77 5.30
CA SER A 239 -9.13 -3.24 6.59
C SER A 239 -9.69 -2.45 7.76
N ALA A 240 -9.76 -3.09 8.92
CA ALA A 240 -10.15 -2.42 10.14
C ALA A 240 -8.97 -1.64 10.71
N LYS A 241 -7.76 -2.07 10.36
CA LYS A 241 -6.55 -1.40 10.78
C LYS A 241 -6.20 -0.24 9.86
N LYS A 242 -5.59 0.79 10.43
CA LYS A 242 -5.17 1.96 9.66
C LYS A 242 -3.70 2.27 9.93
N ILE A 243 -3.02 2.87 8.96
CA ILE A 243 -1.64 3.29 9.15
C ILE A 243 -1.60 4.72 9.67
N HIS A 244 -0.72 4.98 10.63
CA HIS A 244 -0.62 6.30 11.24
C HIS A 244 0.65 7.03 10.81
N PHE A 245 0.49 8.23 10.30
CA PHE A 245 1.62 9.07 9.90
C PHE A 245 1.82 10.19 10.90
N ALA A 246 3.07 10.48 11.22
CA ALA A 246 3.40 11.68 11.98
C ALA A 246 3.59 12.84 11.00
N ARG A 247 2.82 13.90 11.18
CA ARG A 247 2.89 15.05 10.30
C ARG A 247 3.32 16.31 11.05
N PHE A 248 4.42 16.91 10.60
CA PHE A 248 4.94 18.11 11.26
C PHE A 248 4.60 19.38 10.48
N ARG A 249 4.11 19.21 9.26
CA ARG A 249 3.68 20.33 8.43
C ARG A 249 2.42 20.00 7.65
N SER A 250 1.93 20.97 6.91
CA SER A 250 0.77 20.77 6.03
C SER A 250 1.23 20.47 4.62
N PHE A 251 1.02 19.23 4.19
CA PHE A 251 1.33 18.82 2.83
C PHE A 251 0.14 18.07 2.24
N PRO A 252 -0.83 18.84 1.70
CA PRO A 252 -2.10 18.32 1.17
C PRO A 252 -1.91 17.24 0.11
N PHE A 253 -2.73 16.20 0.19
CA PHE A 253 -2.70 15.11 -0.77
C PHE A 253 -2.73 15.60 -2.21
N TRP A 254 -3.69 16.46 -2.53
CA TRP A 254 -3.82 16.97 -3.88
C TRP A 254 -2.59 17.77 -4.29
N ARG A 255 -1.95 18.40 -3.31
CA ARG A 255 -0.70 19.11 -3.56
C ARG A 255 0.42 18.12 -3.86
N ARG A 256 0.42 16.99 -3.16
CA ARG A 256 1.36 15.92 -3.43
C ARG A 256 1.14 15.35 -4.82
N VAL A 257 -0.12 15.19 -5.21
CA VAL A 257 -0.47 14.71 -6.54
C VAL A 257 0.02 15.66 -7.61
N HIS A 258 -0.18 16.96 -7.38
CA HIS A 258 0.25 17.99 -8.33
C HIS A 258 1.75 17.95 -8.53
N ASP A 259 2.49 17.93 -7.43
CA ASP A 259 3.95 17.93 -7.48
C ASP A 259 4.48 16.68 -8.18
N SER A 260 3.80 15.56 -8.02
CA SER A 260 4.26 14.30 -8.58
C SER A 260 3.99 14.17 -10.08
N PHE A 261 2.81 14.61 -10.52
CA PHE A 261 2.37 14.33 -11.89
C PHE A 261 2.30 15.57 -12.80
N ILE A 262 2.12 16.75 -12.22
CA ILE A 262 1.95 17.96 -13.02
C ILE A 262 3.24 18.75 -13.21
N GLU A 263 3.90 19.10 -12.10
CA GLU A 263 5.19 19.80 -12.18
C GLU A 263 5.90 19.88 -10.83
O2' 5N5 B . 2.17 0.23 -6.64
C2' 5N5 B . 2.97 -0.85 -7.09
C3' 5N5 B . 3.71 -1.52 -5.91
O3' 5N5 B . 3.03 -1.28 -4.66
C4' 5N5 B . 5.06 -0.82 -5.95
C5' 5N5 B . 6.12 -1.68 -5.26
N5' 5N5 B . 7.35 -0.89 -5.07
O4' 5N5 B . 5.33 -0.75 -7.37
C1' 5N5 B . 4.09 -0.29 -7.97
N9 5N5 B . 3.95 -0.80 -9.38
C8 5N5 B . 4.18 -2.05 -9.81
N7 5N5 B . 3.94 -2.13 -11.12
C5 5N5 B . 3.56 -0.92 -11.54
C4 5N5 B . 3.56 -0.08 -10.42
N3 5N5 B . 3.21 1.22 -10.58
C2 5N5 B . 2.86 1.68 -11.78
N1 5N5 B . 2.84 0.90 -12.85
C6 5N5 B . 3.18 -0.39 -12.78
N6 5N5 B . 3.17 -1.17 -13.86
C1 GOL C . 3.84 4.85 -4.30
O1 GOL C . 4.50 3.84 -5.03
C2 GOL C . 2.55 5.27 -5.02
O2 GOL C . 1.45 5.29 -4.13
C3 GOL C . 2.72 6.63 -5.69
O3 GOL C . 3.78 6.58 -6.62
C1 CIT D . -2.32 16.30 6.54
O1 CIT D . -1.11 16.11 6.31
O2 CIT D . -2.67 17.29 7.23
C2 CIT D . -3.38 15.37 5.99
C3 CIT D . -3.56 15.58 4.49
O7 CIT D . -2.87 16.80 4.11
C4 CIT D . -5.03 15.68 4.13
C5 CIT D . -5.21 16.73 3.05
O3 CIT D . -4.92 16.46 1.87
O4 CIT D . -5.65 17.86 3.33
C6 CIT D . -2.94 14.42 3.74
O5 CIT D . -1.69 14.32 3.61
O6 CIT D . -3.67 13.54 3.23
#